data_3OUI
#
_entry.id   3OUI
#
_cell.length_a   40.006
_cell.length_b   67.795
_cell.length_c   79.092
_cell.angle_alpha   90.00
_cell.angle_beta   90.00
_cell.angle_gamma   90.00
#
_symmetry.space_group_name_H-M   'P 21 21 21'
#
loop_
_entity.id
_entity.type
_entity.pdbx_description
1 polymer 'Egl nine homolog 1'
2 non-polymer 'ACETATE ION'
3 non-polymer 'FE (II) ION'
4 non-polymer N-[(5,6-dichloro-1H-benzimidazol-2-yl)carbonyl]glycine
5 non-polymer DI(HYDROXYETHYL)ETHER
6 water water
#
_entity_poly.entity_id   1
_entity_poly.type   'polypeptide(L)'
_entity_poly.pdbx_seq_one_letter_code
;SPNGQTKPLPALKLALEYIVPCMNKHGICVVDDFLGKETGQQIGDEVRALHDTGKFTDGQLVSQKSDSSKDIRGDKITWI
EGKEPGCETIGLLMSSMDDLIRHCNGKLGSYKINGRTKAMVACYPGNGTGYVRHVDNPNGDGRCVTCIYYLNKDWDAKVS
GGILRIFPEGKAQFADIEPKFDRLLFFWSDRRNPHEVQPAYATRYAITVWYFD
;
_entity_poly.pdbx_strand_id   A
#
# COMPACT_ATOMS: atom_id res chain seq x y z
N PRO A 10 12.35 6.11 -13.58
CA PRO A 10 13.64 5.49 -13.26
C PRO A 10 13.91 5.49 -11.75
N ALA A 11 14.08 4.30 -11.17
CA ALA A 11 14.17 4.18 -9.71
C ALA A 11 15.22 5.07 -9.08
N LEU A 12 16.39 5.11 -9.70
CA LEU A 12 17.51 5.92 -9.28
C LEU A 12 17.04 7.34 -8.92
N LYS A 13 16.29 7.93 -9.83
CA LYS A 13 15.82 9.32 -9.72
C LYS A 13 14.62 9.43 -8.77
N LEU A 14 13.64 8.54 -8.92
CA LEU A 14 12.46 8.61 -8.06
C LEU A 14 12.87 8.46 -6.59
N ALA A 15 13.72 7.49 -6.30
CA ALA A 15 14.19 7.28 -4.93
C ALA A 15 14.99 8.44 -4.37
N LEU A 16 16.04 8.85 -5.10
CA LEU A 16 16.98 9.85 -4.58
C LEU A 16 16.44 11.29 -4.62
N GLU A 17 15.68 11.63 -5.67
CA GLU A 17 15.14 12.98 -5.83
C GLU A 17 13.75 13.19 -5.19
N TYR A 18 12.99 12.12 -4.97
CA TYR A 18 11.65 12.30 -4.39
C TYR A 18 11.45 11.54 -3.10
N ILE A 19 11.56 10.22 -3.13
CA ILE A 19 11.19 9.42 -1.96
C ILE A 19 12.04 9.71 -0.72
N VAL A 20 13.36 9.74 -0.87
CA VAL A 20 14.22 10.01 0.29
C VAL A 20 13.92 11.38 0.91
N PRO A 21 13.98 12.46 0.12
CA PRO A 21 13.70 13.76 0.75
C PRO A 21 12.30 13.85 1.37
N CYS A 22 11.33 13.27 0.67
CA CYS A 22 9.95 13.28 1.15
C CYS A 22 9.79 12.50 2.45
N MET A 23 10.37 11.32 2.50
CA MET A 23 10.35 10.53 3.72
C MET A 23 11.09 11.26 4.86
N ASN A 24 12.21 11.92 4.55
CA ASN A 24 12.94 12.70 5.56
C ASN A 24 12.10 13.85 6.13
N LYS A 25 11.41 14.57 5.26
CA LYS A 25 10.65 15.75 5.64
C LYS A 25 9.27 15.44 6.24
N HIS A 26 8.54 14.48 5.64
CA HIS A 26 7.11 14.28 5.93
C HIS A 26 6.78 12.92 6.57
N GLY A 27 7.64 11.93 6.30
CA GLY A 27 7.43 10.57 6.79
C GLY A 27 6.33 9.82 6.04
N ILE A 28 5.86 10.43 4.96
CA ILE A 28 4.79 9.93 4.09
C ILE A 28 5.02 10.46 2.68
N CYS A 29 4.89 9.57 1.68
N CYS A 29 4.88 9.59 1.67
CA CYS A 29 5.22 9.92 0.31
CA CYS A 29 5.13 9.99 0.30
C CYS A 29 4.21 9.26 -0.64
C CYS A 29 4.24 9.26 -0.67
N VAL A 30 3.64 10.02 -1.58
CA VAL A 30 2.69 9.49 -2.57
C VAL A 30 3.26 9.63 -3.97
N VAL A 31 3.22 8.54 -4.73
CA VAL A 31 3.63 8.57 -6.13
C VAL A 31 2.45 8.10 -6.96
N ASP A 32 1.85 9.01 -7.72
CA ASP A 32 0.75 8.67 -8.59
C ASP A 32 1.24 8.16 -9.94
N ASP A 33 0.37 7.40 -10.60
CA ASP A 33 0.68 6.77 -11.90
C ASP A 33 2.00 6.01 -11.87
N PHE A 34 2.13 5.11 -10.91
CA PHE A 34 3.39 4.47 -10.64
C PHE A 34 3.80 3.52 -11.76
N LEU A 35 2.88 2.63 -12.15
CA LEU A 35 3.17 1.63 -13.17
C LEU A 35 2.49 1.86 -14.53
N GLY A 36 1.54 2.79 -14.59
CA GLY A 36 0.74 2.99 -15.81
C GLY A 36 -0.50 2.11 -15.84
N LYS A 37 -1.46 2.52 -16.66
CA LYS A 37 -2.77 1.87 -16.66
C LYS A 37 -2.75 0.40 -17.08
N GLU A 38 -1.90 0.06 -18.06
CA GLU A 38 -1.91 -1.31 -18.59
C GLU A 38 -1.42 -2.28 -17.54
N THR A 39 -0.27 -1.98 -16.96
CA THR A 39 0.29 -2.85 -15.93
C THR A 39 -0.62 -2.83 -14.69
N GLY A 40 -1.09 -1.65 -14.31
CA GLY A 40 -1.95 -1.53 -13.13
C GLY A 40 -3.22 -2.35 -13.26
N GLN A 41 -3.83 -2.35 -14.44
CA GLN A 41 -5.07 -3.12 -14.58
C GLN A 41 -4.79 -4.60 -14.68
N GLN A 42 -3.61 -4.98 -15.19
CA GLN A 42 -3.21 -6.39 -15.16
C GLN A 42 -3.06 -6.87 -13.70
N ILE A 43 -2.54 -6.03 -12.83
CA ILE A 43 -2.47 -6.39 -11.39
C ILE A 43 -3.89 -6.47 -10.82
N GLY A 44 -4.71 -5.47 -11.16
CA GLY A 44 -6.13 -5.46 -10.80
C GLY A 44 -6.83 -6.75 -11.17
N ASP A 45 -6.58 -7.24 -12.38
CA ASP A 45 -7.24 -8.47 -12.86
C ASP A 45 -6.76 -9.70 -12.08
N GLU A 46 -5.47 -9.75 -11.76
CA GLU A 46 -4.89 -10.83 -10.93
C GLU A 46 -5.51 -10.87 -9.51
N VAL A 47 -5.64 -9.69 -8.90
CA VAL A 47 -6.25 -9.57 -7.57
C VAL A 47 -7.72 -10.00 -7.61
N ARG A 48 -8.44 -9.60 -8.65
CA ARG A 48 -9.85 -9.97 -8.75
C ARG A 48 -10.01 -11.47 -8.92
N ALA A 49 -9.10 -12.08 -9.68
CA ALA A 49 -9.13 -13.55 -9.88
C ALA A 49 -8.92 -14.28 -8.55
N LEU A 50 -7.98 -13.79 -7.75
CA LEU A 50 -7.75 -14.33 -6.42
C LEU A 50 -9.00 -14.19 -5.59
N HIS A 51 -9.60 -13.00 -5.62
CA HIS A 51 -10.77 -12.72 -4.84
C HIS A 51 -11.94 -13.61 -5.27
N ASP A 52 -12.14 -13.76 -6.58
CA ASP A 52 -13.28 -14.52 -7.10
CA ASP A 52 -13.27 -14.53 -7.09
C ASP A 52 -13.23 -15.99 -6.67
N THR A 53 -12.05 -16.52 -6.40
CA THR A 53 -11.96 -17.95 -5.98
C THR A 53 -12.11 -18.17 -4.48
N GLY A 54 -12.20 -17.09 -3.71
CA GLY A 54 -12.44 -17.20 -2.27
C GLY A 54 -11.19 -17.46 -1.46
N LYS A 55 -10.02 -17.19 -2.02
CA LYS A 55 -8.75 -17.45 -1.33
C LYS A 55 -8.50 -16.45 -0.16
N PHE A 56 -9.21 -15.33 -0.12
CA PHE A 56 -8.94 -14.35 0.94
C PHE A 56 -9.48 -14.87 2.29
N THR A 57 -8.73 -14.68 3.36
CA THR A 57 -9.20 -15.01 4.70
C THR A 57 -9.45 -13.73 5.50
N ASP A 58 -10.21 -13.85 6.58
CA ASP A 58 -10.58 -12.67 7.38
C ASP A 58 -9.34 -12.04 7.99
N GLY A 59 -9.18 -10.72 7.81
CA GLY A 59 -8.03 -9.98 8.35
C GLY A 59 -7.96 -9.99 9.86
N GLN A 60 -9.12 -10.12 10.49
CA GLN A 60 -9.21 -10.33 11.91
C GLN A 60 -9.25 -11.84 12.18
N ASP A 71 -14.46 -6.35 15.49
CA ASP A 71 -14.51 -4.97 15.99
C ASP A 71 -13.29 -4.10 15.63
N ILE A 72 -12.33 -4.64 14.89
CA ILE A 72 -11.08 -3.94 14.58
C ILE A 72 -10.93 -3.69 13.07
N ARG A 73 -11.18 -4.71 12.26
CA ARG A 73 -10.94 -4.61 10.81
C ARG A 73 -11.89 -5.51 10.02
N GLY A 74 -12.33 -5.02 8.86
CA GLY A 74 -13.33 -5.71 8.03
C GLY A 74 -12.77 -6.25 6.73
N ASP A 75 -11.45 -6.17 6.58
CA ASP A 75 -10.78 -6.62 5.36
C ASP A 75 -10.61 -8.14 5.26
N LYS A 76 -10.43 -8.59 4.03
CA LYS A 76 -10.11 -9.98 3.73
C LYS A 76 -8.78 -9.94 2.99
N ILE A 77 -7.87 -10.85 3.32
CA ILE A 77 -6.50 -10.77 2.82
C ILE A 77 -5.93 -12.09 2.35
N THR A 78 -4.90 -12.00 1.51
CA THR A 78 -4.07 -13.14 1.17
C THR A 78 -2.63 -12.67 1.00
N TRP A 79 -1.68 -13.57 1.23
CA TRP A 79 -0.28 -13.26 1.14
C TRP A 79 0.32 -13.87 -0.13
N ILE A 80 0.93 -13.03 -0.96
CA ILE A 80 1.41 -13.47 -2.26
C ILE A 80 2.92 -13.31 -2.34
N GLU A 81 3.58 -14.39 -2.75
CA GLU A 81 5.04 -14.40 -2.88
C GLU A 81 5.51 -13.68 -4.17
N GLY A 82 4.69 -13.73 -5.21
CA GLY A 82 4.98 -13.08 -6.50
C GLY A 82 5.36 -13.99 -7.67
N LYS A 83 5.64 -15.26 -7.39
CA LYS A 83 6.02 -16.26 -8.41
C LYS A 83 4.93 -17.30 -8.70
N GLU A 84 3.80 -17.20 -8.00
CA GLU A 84 2.72 -18.14 -8.17
C GLU A 84 2.08 -17.97 -9.54
N PRO A 85 1.56 -19.07 -10.13
CA PRO A 85 0.83 -18.88 -11.37
C PRO A 85 -0.37 -17.99 -11.16
N GLY A 86 -0.56 -17.05 -12.10
CA GLY A 86 -1.58 -16.03 -11.99
C GLY A 86 -1.19 -14.78 -11.22
N CYS A 87 0.04 -14.72 -10.71
CA CYS A 87 0.47 -13.63 -9.85
C CYS A 87 1.72 -12.92 -10.36
N GLU A 88 2.07 -13.14 -11.63
CA GLU A 88 3.34 -12.65 -12.13
CA GLU A 88 3.29 -12.63 -12.25
C GLU A 88 3.39 -11.11 -12.16
N THR A 89 2.25 -10.45 -12.39
CA THR A 89 2.25 -8.98 -12.46
C THR A 89 2.29 -8.40 -11.06
N ILE A 90 1.71 -9.10 -10.09
CA ILE A 90 1.89 -8.73 -8.70
C ILE A 90 3.38 -8.88 -8.34
N GLY A 91 4.04 -9.92 -8.85
CA GLY A 91 5.48 -10.07 -8.67
C GLY A 91 6.25 -8.92 -9.28
N LEU A 92 5.80 -8.42 -10.43
CA LEU A 92 6.42 -7.24 -11.02
C LEU A 92 6.28 -5.99 -10.16
N LEU A 93 5.11 -5.76 -9.59
CA LEU A 93 4.91 -4.68 -8.63
C LEU A 93 5.90 -4.79 -7.47
N MET A 94 6.05 -6.00 -6.92
CA MET A 94 6.95 -6.24 -5.80
C MET A 94 8.40 -5.91 -6.20
N SER A 95 8.82 -6.37 -7.38
CA SER A 95 10.17 -6.06 -7.88
C SER A 95 10.38 -4.57 -8.03
N SER A 96 9.34 -3.87 -8.45
CA SER A 96 9.38 -2.40 -8.64
C SER A 96 9.50 -1.65 -7.31
N MET A 97 8.74 -2.09 -6.32
CA MET A 97 8.87 -1.55 -4.95
C MET A 97 10.28 -1.90 -4.40
N ASP A 98 10.71 -3.14 -4.60
CA ASP A 98 12.03 -3.57 -4.15
C ASP A 98 13.13 -2.66 -4.69
N ASP A 99 13.02 -2.26 -5.96
CA ASP A 99 14.09 -1.46 -6.54
C ASP A 99 14.12 -0.08 -5.93
N LEU A 100 12.95 0.50 -5.65
CA LEU A 100 12.89 1.82 -5.01
C LEU A 100 13.53 1.76 -3.61
N ILE A 101 13.16 0.73 -2.83
CA ILE A 101 13.71 0.57 -1.50
C ILE A 101 15.22 0.34 -1.53
N ARG A 102 15.69 -0.46 -2.48
CA ARG A 102 17.11 -0.73 -2.64
C ARG A 102 17.88 0.58 -2.87
N HIS A 103 17.38 1.44 -3.76
CA HIS A 103 18.01 2.76 -4.04
C HIS A 103 17.97 3.71 -2.86
N CYS A 104 16.88 3.69 -2.08
CA CYS A 104 16.84 4.44 -0.84
C CYS A 104 17.86 3.99 0.19
N ASN A 105 17.92 2.70 0.48
CA ASN A 105 18.80 2.19 1.53
C ASN A 105 20.26 2.11 1.10
N GLY A 106 20.50 2.28 -0.20
CA GLY A 106 21.87 2.31 -0.72
C GLY A 106 22.50 3.70 -0.65
N LYS A 107 21.70 4.73 -0.32
CA LYS A 107 22.23 6.08 -0.16
C LYS A 107 23.30 6.11 0.93
N LEU A 108 24.35 6.89 0.69
CA LEU A 108 25.41 7.07 1.66
C LEU A 108 24.80 7.55 3.00
N GLY A 109 25.11 6.85 4.07
CA GLY A 109 24.65 7.20 5.42
C GLY A 109 23.32 6.57 5.84
N SER A 110 22.66 5.84 4.93
CA SER A 110 21.35 5.28 5.23
C SER A 110 21.48 3.98 6.00
N TYR A 111 20.51 3.74 6.87
CA TYR A 111 20.36 2.42 7.49
C TYR A 111 20.00 1.38 6.43
N LYS A 112 20.11 0.10 6.77
CA LYS A 112 19.83 -0.97 5.82
C LYS A 112 18.55 -1.73 6.12
N ILE A 113 17.81 -2.05 5.06
CA ILE A 113 16.64 -2.93 5.11
C ILE A 113 17.12 -4.36 4.96
N ASN A 114 16.69 -5.25 5.85
CA ASN A 114 17.14 -6.64 5.83
C ASN A 114 16.09 -7.63 5.37
N GLY A 115 14.84 -7.17 5.28
CA GLY A 115 13.79 -8.03 4.82
C GLY A 115 12.55 -7.27 4.40
N ARG A 116 11.64 -8.03 3.81
CA ARG A 116 10.31 -7.55 3.53
C ARG A 116 9.34 -8.72 3.62
N THR A 117 8.08 -8.37 3.82
CA THR A 117 7.01 -9.32 3.83
C THR A 117 6.70 -9.78 2.42
N LYS A 118 5.88 -10.82 2.32
CA LYS A 118 5.16 -11.10 1.09
C LYS A 118 4.18 -9.96 0.83
N ALA A 119 3.56 -9.96 -0.35
CA ALA A 119 2.55 -8.97 -0.67
C ALA A 119 1.23 -9.31 0.02
N MET A 120 0.72 -8.39 0.83
CA MET A 120 -0.56 -8.55 1.44
C MET A 120 -1.62 -7.94 0.53
N VAL A 121 -2.36 -8.81 -0.16
CA VAL A 121 -3.44 -8.38 -1.01
C VAL A 121 -4.66 -8.26 -0.13
N ALA A 122 -5.27 -7.06 -0.10
CA ALA A 122 -6.40 -6.84 0.79
C ALA A 122 -7.63 -6.36 0.04
N CYS A 123 -8.80 -6.84 0.46
CA CYS A 123 -10.08 -6.43 -0.05
C CYS A 123 -10.97 -5.97 1.11
N TYR A 124 -11.49 -4.74 1.04
CA TYR A 124 -12.62 -4.32 1.91
C TYR A 124 -13.86 -4.49 1.04
N PRO A 125 -14.70 -5.46 1.38
CA PRO A 125 -15.79 -5.82 0.48
C PRO A 125 -17.02 -4.95 0.63
N GLY A 126 -16.85 -3.63 0.63
CA GLY A 126 -17.97 -2.72 0.82
C GLY A 126 -18.63 -3.02 2.16
N ASN A 127 -19.93 -2.87 2.22
CA ASN A 127 -20.68 -3.21 3.45
CA ASN A 127 -20.69 -3.20 3.44
C ASN A 127 -20.27 -2.39 4.67
N GLY A 128 -19.63 -1.24 4.44
CA GLY A 128 -19.19 -0.39 5.55
C GLY A 128 -17.98 -0.91 6.33
N THR A 129 -17.17 -1.73 5.69
CA THR A 129 -15.99 -2.31 6.31
C THR A 129 -14.84 -1.31 6.30
N GLY A 130 -14.05 -1.30 7.37
CA GLY A 130 -12.88 -0.42 7.48
C GLY A 130 -11.85 -0.99 8.45
N TYR A 131 -11.01 -0.11 8.98
CA TYR A 131 -9.95 -0.50 9.90
C TYR A 131 -9.80 0.62 10.91
N VAL A 132 -10.00 0.30 12.20
CA VAL A 132 -9.87 1.27 13.28
C VAL A 132 -8.47 1.87 13.30
N ARG A 133 -8.34 3.06 13.88
CA ARG A 133 -7.05 3.72 13.97
C ARG A 133 -6.03 2.84 14.69
N HIS A 134 -4.86 2.75 14.09
CA HIS A 134 -3.82 1.86 14.55
C HIS A 134 -2.45 2.31 14.07
N VAL A 135 -1.43 1.64 14.61
CA VAL A 135 -0.04 1.82 14.21
C VAL A 135 0.42 0.44 13.69
N ASP A 136 1.03 0.40 12.52
CA ASP A 136 1.39 -0.90 11.91
C ASP A 136 2.41 -1.66 12.71
N ASN A 137 3.40 -0.95 13.26
CA ASN A 137 4.52 -1.57 13.98
C ASN A 137 4.80 -0.77 15.26
N PRO A 138 4.00 -1.01 16.31
CA PRO A 138 4.16 -0.22 17.52
C PRO A 138 5.18 -0.82 18.47
N ARG A 143 14.63 0.58 10.45
CA ARG A 143 13.27 1.04 10.63
C ARG A 143 12.30 0.11 9.91
N CYS A 144 11.04 0.51 9.83
CA CYS A 144 10.04 -0.22 9.08
C CYS A 144 9.24 0.76 8.22
N VAL A 145 9.04 0.39 6.96
CA VAL A 145 8.31 1.20 6.00
C VAL A 145 7.14 0.40 5.46
N THR A 146 5.99 1.06 5.41
CA THR A 146 4.76 0.50 4.84
C THR A 146 4.66 1.04 3.42
N CYS A 147 4.48 0.14 2.45
CA CYS A 147 4.34 0.49 1.05
CA CYS A 147 4.35 0.48 1.05
C CYS A 147 3.03 -0.05 0.52
N ILE A 148 2.14 0.83 0.10
CA ILE A 148 0.80 0.43 -0.34
C ILE A 148 0.57 0.85 -1.78
N TYR A 149 0.04 -0.08 -2.58
CA TYR A 149 -0.33 0.18 -3.96
C TYR A 149 -1.82 -0.02 -4.14
N TYR A 150 -2.50 1.03 -4.60
CA TYR A 150 -3.95 0.99 -4.74
C TYR A 150 -4.39 0.67 -6.16
N LEU A 151 -5.57 0.08 -6.28
CA LEU A 151 -6.05 -0.50 -7.52
C LEU A 151 -7.44 -0.06 -8.00
N ASN A 152 -8.00 0.97 -7.37
CA ASN A 152 -9.43 1.28 -7.51
C ASN A 152 -9.68 2.41 -8.53
N LYS A 153 -10.10 2.03 -9.74
CA LYS A 153 -10.27 3.05 -10.80
C LYS A 153 -11.54 3.84 -10.57
N ASP A 154 -11.47 5.14 -10.85
CA ASP A 154 -12.60 6.06 -10.78
C ASP A 154 -13.32 5.96 -9.42
N TRP A 155 -12.51 5.89 -8.37
CA TRP A 155 -13.02 5.79 -7.01
C TRP A 155 -13.53 7.15 -6.58
N ASP A 156 -14.82 7.21 -6.24
CA ASP A 156 -15.45 8.42 -5.74
C ASP A 156 -15.64 8.23 -4.24
N ALA A 157 -14.75 8.80 -3.44
CA ALA A 157 -14.78 8.59 -2.00
C ALA A 157 -16.06 9.13 -1.36
N LYS A 158 -16.64 10.16 -1.97
CA LYS A 158 -17.89 10.75 -1.45
C LYS A 158 -18.95 9.68 -1.32
N VAL A 159 -19.06 8.81 -2.32
CA VAL A 159 -20.06 7.74 -2.34
C VAL A 159 -19.49 6.39 -1.86
N SER A 160 -18.21 6.14 -2.09
CA SER A 160 -17.63 4.82 -1.79
C SER A 160 -16.80 4.72 -0.49
N GLY A 161 -16.54 5.86 0.15
CA GLY A 161 -15.76 5.89 1.39
C GLY A 161 -14.33 5.41 1.19
N GLY A 162 -13.84 4.61 2.12
CA GLY A 162 -12.52 3.97 1.99
C GLY A 162 -11.29 4.86 2.02
N ILE A 163 -11.43 6.10 2.50
CA ILE A 163 -10.26 6.98 2.65
C ILE A 163 -9.32 6.45 3.74
N LEU A 164 -8.03 6.46 3.44
CA LEU A 164 -6.99 6.29 4.44
C LEU A 164 -6.73 7.64 5.11
N ARG A 165 -7.03 7.72 6.39
CA ARG A 165 -6.73 8.91 7.18
C ARG A 165 -5.47 8.67 8.01
N ILE A 166 -4.45 9.47 7.75
CA ILE A 166 -3.16 9.34 8.42
C ILE A 166 -2.85 10.59 9.26
N PHE A 167 -2.16 10.37 10.37
CA PHE A 167 -1.86 11.38 11.40
C PHE A 167 -0.35 11.53 11.58
N PRO A 168 0.30 12.15 10.61
CA PRO A 168 1.78 12.24 10.70
C PRO A 168 2.23 13.08 11.90
N GLU A 169 3.24 12.57 12.61
CA GLU A 169 3.83 13.26 13.76
C GLU A 169 4.31 14.62 13.34
N GLY A 170 4.04 15.62 14.16
CA GLY A 170 4.49 16.97 13.90
C GLY A 170 3.48 17.87 13.21
N LYS A 171 2.46 17.30 12.55
CA LYS A 171 1.48 18.10 11.79
C LYS A 171 0.25 18.35 12.66
N ALA A 172 -0.33 19.54 12.57
CA ALA A 172 -1.54 19.83 13.32
C ALA A 172 -2.79 19.25 12.63
N GLN A 173 -2.66 18.92 11.35
CA GLN A 173 -3.74 18.37 10.53
C GLN A 173 -3.51 16.89 10.22
N PHE A 174 -4.58 16.15 9.96
CA PHE A 174 -4.43 14.81 9.40
C PHE A 174 -4.42 14.93 7.88
N ALA A 175 -4.03 13.84 7.21
CA ALA A 175 -4.06 13.80 5.76
C ALA A 175 -5.00 12.67 5.32
N ASP A 176 -5.85 12.98 4.36
CA ASP A 176 -6.79 12.02 3.78
C ASP A 176 -6.27 11.62 2.42
N ILE A 177 -6.05 10.31 2.25
CA ILE A 177 -5.51 9.77 1.02
C ILE A 177 -6.54 8.85 0.38
N GLU A 178 -6.96 9.20 -0.82
CA GLU A 178 -7.89 8.36 -1.57
C GLU A 178 -7.16 7.14 -2.11
N PRO A 179 -7.84 5.98 -2.12
CA PRO A 179 -7.24 4.70 -2.53
C PRO A 179 -7.26 4.55 -4.06
N LYS A 180 -6.61 5.50 -4.70
CA LYS A 180 -6.70 5.71 -6.15
C LYS A 180 -5.89 4.68 -6.95
N PHE A 181 -6.47 4.19 -8.05
CA PHE A 181 -5.78 3.34 -9.00
C PHE A 181 -4.36 3.84 -9.33
N ASP A 182 -3.37 2.95 -9.22
CA ASP A 182 -1.97 3.17 -9.63
C ASP A 182 -1.23 4.16 -8.73
N ARG A 183 -1.76 4.38 -7.53
CA ARG A 183 -1.15 5.21 -6.54
C ARG A 183 -0.30 4.32 -5.63
N LEU A 184 0.95 4.74 -5.42
CA LEU A 184 1.89 4.12 -4.50
C LEU A 184 2.11 5.05 -3.30
N LEU A 185 1.99 4.49 -2.12
CA LEU A 185 2.11 5.22 -0.86
C LEU A 185 3.23 4.60 -0.01
N PHE A 186 4.15 5.42 0.48
CA PHE A 186 5.13 4.98 1.48
C PHE A 186 4.89 5.76 2.78
N PHE A 187 5.01 5.10 3.91
CA PHE A 187 5.07 5.81 5.19
C PHE A 187 5.77 4.99 6.27
N TRP A 188 6.41 5.66 7.24
CA TRP A 188 7.09 4.95 8.33
C TRP A 188 6.01 4.18 9.11
N SER A 189 6.27 2.91 9.40
CA SER A 189 5.25 2.04 9.99
C SER A 189 5.04 2.23 11.50
N ASP A 190 5.88 3.01 12.12
CA ASP A 190 5.88 3.09 13.58
C ASP A 190 4.90 4.15 14.08
N ARG A 191 5.02 4.50 15.37
CA ARG A 191 4.04 5.37 16.01
C ARG A 191 4.02 6.79 15.47
N ARG A 192 4.98 7.15 14.63
CA ARG A 192 4.91 8.40 13.88
C ARG A 192 3.65 8.57 13.01
N ASN A 193 3.10 7.46 12.49
CA ASN A 193 1.99 7.50 11.56
C ASN A 193 0.82 6.59 11.95
N PRO A 194 0.09 6.94 13.02
CA PRO A 194 -1.20 6.27 13.24
C PRO A 194 -2.11 6.53 12.02
N HIS A 195 -2.93 5.55 11.68
CA HIS A 195 -3.81 5.71 10.51
C HIS A 195 -5.02 4.79 10.63
N GLU A 196 -6.06 5.10 9.86
CA GLU A 196 -7.29 4.32 9.86
C GLU A 196 -7.83 4.26 8.45
N VAL A 197 -8.61 3.21 8.18
CA VAL A 197 -9.34 3.13 6.92
C VAL A 197 -10.80 3.42 7.22
N GLN A 198 -11.31 4.52 6.67
CA GLN A 198 -12.71 4.86 6.83
C GLN A 198 -13.59 3.83 6.10
N PRO A 199 -14.80 3.62 6.61
CA PRO A 199 -15.66 2.57 6.04
C PRO A 199 -15.78 2.64 4.51
N ALA A 200 -15.64 1.49 3.87
CA ALA A 200 -15.81 1.38 2.42
C ALA A 200 -17.20 0.85 2.07
N TYR A 201 -17.82 1.46 1.06
CA TYR A 201 -19.17 1.05 0.60
C TYR A 201 -19.13 0.54 -0.84
N ALA A 202 -17.92 0.24 -1.32
CA ALA A 202 -17.70 -0.44 -2.59
C ALA A 202 -16.48 -1.31 -2.36
N THR A 203 -16.29 -2.33 -3.19
CA THR A 203 -15.15 -3.23 -3.08
C THR A 203 -13.86 -2.43 -3.30
N ARG A 204 -12.98 -2.49 -2.31
CA ARG A 204 -11.76 -1.68 -2.25
C ARG A 204 -10.56 -2.59 -2.14
N TYR A 205 -9.68 -2.49 -3.12
CA TYR A 205 -8.48 -3.32 -3.23
C TYR A 205 -7.19 -2.54 -3.05
N ALA A 206 -6.23 -3.20 -2.41
CA ALA A 206 -4.90 -2.63 -2.19
C ALA A 206 -3.90 -3.77 -1.96
N ILE A 207 -2.63 -3.50 -2.27
CA ILE A 207 -1.55 -4.44 -1.95
C ILE A 207 -0.50 -3.75 -1.10
N THR A 208 -0.15 -4.38 0.03
CA THR A 208 0.84 -3.80 0.93
C THR A 208 2.05 -4.70 1.08
N VAL A 209 3.22 -4.07 1.12
CA VAL A 209 4.46 -4.76 1.48
C VAL A 209 5.07 -3.94 2.61
N TRP A 210 5.56 -4.62 3.64
CA TRP A 210 6.33 -3.95 4.67
C TRP A 210 7.81 -4.31 4.52
N TYR A 211 8.66 -3.29 4.55
CA TYR A 211 10.12 -3.42 4.52
C TYR A 211 10.67 -3.11 5.90
N PHE A 212 11.53 -3.97 6.43
CA PHE A 212 11.92 -3.84 7.84
C PHE A 212 13.37 -4.24 8.11
N ASP A 213 13.77 -3.95 9.35
CA ASP A 213 15.04 -4.38 9.97
C ASP A 213 16.18 -3.67 9.26
#